data_5JTS
#
_entry.id   5JTS
#
_cell.length_a   36.910
_cell.length_b   53.680
_cell.length_c   81.450
_cell.angle_alpha   90.00
_cell.angle_beta   90.00
_cell.angle_gamma   90.00
#
_symmetry.space_group_name_H-M   'P 21 21 21'
#
loop_
_entity.id
_entity.type
_entity.pdbx_description
1 polymer beta-1,4-mannanase
2 non-polymer GLYCEROL
3 non-polymer 1,2-ETHANEDIOL
4 non-polymer 'CHLORIDE ION'
5 water water
#
_entity_poly.entity_id   1
_entity_poly.type   'polypeptide(L)'
_entity_poly.pdbx_seq_one_letter_code
;GPLGSSACPSGATCGSYTVGGLGSRKQQVRNAGGSSLDLAVAMLETERMDTAYPYGDNKSGDAANFGIFKQNWLMLRSAC
AQFGGQGAGQYDNGAALNSSLGQDVSCLHQSQSHYGLDAWFAGHRNGASGLSSPNTADIAAYKAAVYWIKAQLDADSANL
GNDTRFWVQVPAI
;
_entity_poly.pdbx_strand_id   A
#
loop_
_chem_comp.id
_chem_comp.type
_chem_comp.name
_chem_comp.formula
CL non-polymer 'CHLORIDE ION' 'Cl -1'
EDO non-polymer 1,2-ETHANEDIOL 'C2 H6 O2'
GOL non-polymer GLYCEROL 'C3 H8 O3'
#
# COMPACT_ATOMS: atom_id res chain seq x y z
N CYS A 8 11.61 -6.59 16.68
CA CYS A 8 10.74 -7.26 15.64
C CYS A 8 9.39 -7.66 16.26
N PRO A 9 8.29 -7.51 15.50
CA PRO A 9 6.99 -8.09 15.93
C PRO A 9 6.96 -9.65 16.06
N SER A 10 6.27 -10.21 17.07
CA SER A 10 5.88 -11.66 17.14
C SER A 10 7.18 -12.51 17.07
N GLY A 11 7.14 -13.55 16.25
CA GLY A 11 8.30 -14.40 16.04
C GLY A 11 8.92 -14.12 14.70
N ALA A 12 8.72 -12.93 14.14
CA ALA A 12 9.21 -12.65 12.81
C ALA A 12 10.65 -12.24 12.79
N THR A 13 11.26 -12.40 11.62
CA THR A 13 12.51 -11.77 11.33
C THR A 13 12.16 -10.40 10.74
N CYS A 14 13.05 -9.49 10.92
CA CYS A 14 12.85 -8.17 10.42
C CYS A 14 14.20 -7.61 10.28
N GLY A 15 14.28 -6.49 9.58
CA GLY A 15 15.56 -5.85 9.45
C GLY A 15 15.50 -4.69 8.52
N SER A 16 16.65 -4.32 7.99
CA SER A 16 16.74 -3.24 7.07
C SER A 16 17.91 -3.45 6.12
N TYR A 17 17.83 -2.84 4.96
CA TYR A 17 18.94 -2.89 4.00
C TYR A 17 18.84 -1.69 3.08
N THR A 18 19.90 -1.45 2.33
CA THR A 18 20.03 -0.30 1.47
C THR A 18 19.58 -0.61 0.04
N VAL A 19 18.77 0.30 -0.50
CA VAL A 19 18.26 0.21 -1.88
C VAL A 19 18.71 1.46 -2.62
N GLY A 20 19.54 1.29 -3.64
CA GLY A 20 20.01 2.47 -4.38
C GLY A 20 18.89 3.25 -5.00
N GLY A 21 18.92 4.57 -4.85
CA GLY A 21 17.89 5.45 -5.36
C GLY A 21 16.62 5.55 -4.55
N LEU A 22 16.49 4.78 -3.46
CA LEU A 22 15.24 4.77 -2.76
C LEU A 22 14.98 6.09 -2.04
N GLY A 23 16.02 6.76 -1.54
CA GLY A 23 15.80 8.04 -0.87
C GLY A 23 15.17 9.09 -1.75
N SER A 24 15.65 9.22 -2.97
CA SER A 24 15.06 10.14 -3.94
CA SER A 24 15.05 10.13 -3.95
C SER A 24 13.60 9.76 -4.23
N ARG A 25 13.32 8.46 -4.32
CA ARG A 25 11.97 8.01 -4.55
C ARG A 25 11.05 8.34 -3.37
N LYS A 26 11.52 8.12 -2.14
CA LYS A 26 10.75 8.49 -0.95
C LYS A 26 10.35 9.96 -1.01
N GLN A 27 11.28 10.81 -1.39
CA GLN A 27 11.02 12.23 -1.49
C GLN A 27 9.94 12.52 -2.54
N GLN A 28 9.96 11.81 -3.64
CA GLN A 28 8.94 11.97 -4.68
C GLN A 28 7.57 11.56 -4.16
N VAL A 29 7.51 10.45 -3.43
CA VAL A 29 6.25 9.99 -2.85
C VAL A 29 5.69 11.00 -1.88
N ARG A 30 6.54 11.53 -1.04
CA ARG A 30 6.13 12.58 -0.09
C ARG A 30 5.66 13.83 -0.80
N ASN A 31 6.40 14.24 -1.83
CA ASN A 31 6.00 15.44 -2.56
C ASN A 31 4.65 15.23 -3.29
N ALA A 32 4.30 13.99 -3.62
CA ALA A 32 3.01 13.64 -4.23
C ALA A 32 1.87 13.50 -3.21
N GLY A 33 2.15 13.73 -1.92
CA GLY A 33 1.14 13.75 -0.86
C GLY A 33 1.23 12.58 0.08
N GLY A 34 2.19 11.69 -0.10
CA GLY A 34 2.32 10.57 0.80
C GLY A 34 2.78 10.95 2.20
N SER A 35 2.02 10.52 3.18
CA SER A 35 2.36 10.67 4.59
C SER A 35 3.34 9.59 5.02
N SER A 36 3.79 9.65 6.26
CA SER A 36 4.62 8.56 6.77
CA SER A 36 4.64 8.56 6.78
C SER A 36 3.92 7.20 6.78
N LEU A 37 2.61 7.19 7.07
CA LEU A 37 1.89 5.93 6.97
C LEU A 37 1.87 5.44 5.54
N ASP A 38 1.63 6.33 4.60
CA ASP A 38 1.63 5.93 3.19
C ASP A 38 3.02 5.37 2.79
N LEU A 39 4.08 6.03 3.24
CA LEU A 39 5.44 5.54 2.97
CA LEU A 39 5.41 5.57 2.95
C LEU A 39 5.65 4.18 3.55
N ALA A 40 5.11 3.93 4.75
CA ALA A 40 5.25 2.62 5.38
C ALA A 40 4.56 1.53 4.57
N VAL A 41 3.35 1.81 4.09
CA VAL A 41 2.65 0.86 3.25
C VAL A 41 3.47 0.60 1.97
N ALA A 42 3.89 1.67 1.30
CA ALA A 42 4.68 1.51 0.08
C ALA A 42 5.94 0.70 0.36
N MET A 43 6.59 0.96 1.48
CA MET A 43 7.83 0.28 1.81
C MET A 43 7.61 -1.19 2.03
N LEU A 44 6.48 -1.57 2.62
CA LEU A 44 6.16 -2.97 2.80
C LEU A 44 5.88 -3.64 1.47
N GLU A 45 5.21 -2.93 0.56
CA GLU A 45 4.67 -3.57 -0.65
C GLU A 45 5.68 -3.82 -1.76
N THR A 46 6.67 -2.94 -1.95
CA THR A 46 7.69 -3.14 -3.02
C THR A 46 9.02 -2.63 -2.51
N GLU A 47 10.09 -3.12 -3.11
CA GLU A 47 11.45 -2.72 -2.72
C GLU A 47 11.80 -1.31 -3.14
N ARG A 48 11.40 -0.94 -4.36
CA ARG A 48 11.79 0.34 -4.92
C ARG A 48 10.66 1.37 -4.96
N MET A 49 9.53 1.06 -4.31
CA MET A 49 8.36 1.98 -4.35
C MET A 49 7.95 2.25 -5.79
N ASP A 50 7.78 1.16 -6.52
CA ASP A 50 7.45 1.22 -7.93
C ASP A 50 6.33 0.22 -8.25
N THR A 51 6.07 0.05 -9.55
CA THR A 51 5.01 -0.84 -10.02
C THR A 51 5.55 -1.93 -10.91
N ALA A 52 6.77 -2.37 -10.59
CA ALA A 52 7.45 -3.35 -11.40
C ALA A 52 7.06 -4.77 -11.13
N TYR A 53 6.22 -5.00 -10.14
CA TYR A 53 5.67 -6.32 -9.87
C TYR A 53 4.82 -6.74 -11.08
N PRO A 54 4.49 -8.03 -11.19
CA PRO A 54 3.73 -8.45 -12.36
C PRO A 54 2.41 -7.68 -12.49
N TYR A 55 1.95 -7.49 -13.71
CA TYR A 55 0.71 -6.77 -13.95
C TYR A 55 -0.41 -7.34 -13.11
N GLY A 56 -1.11 -6.44 -12.41
CA GLY A 56 -2.20 -6.87 -11.52
C GLY A 56 -1.79 -7.66 -10.32
N ASP A 57 -0.48 -7.75 -10.09
CA ASP A 57 0.14 -8.76 -9.20
C ASP A 57 -0.31 -10.18 -9.53
N ASN A 58 -0.43 -10.46 -10.83
CA ASN A 58 -0.84 -11.78 -11.33
C ASN A 58 -2.24 -12.18 -10.88
N LYS A 59 -3.10 -11.19 -10.71
CA LYS A 59 -4.50 -11.39 -10.37
C LYS A 59 -5.35 -10.55 -11.28
N SER A 60 -6.60 -10.96 -11.46
CA SER A 60 -7.56 -10.31 -12.34
C SER A 60 -8.80 -9.94 -11.55
N GLY A 61 -9.60 -9.06 -12.12
CA GLY A 61 -10.85 -8.66 -11.53
C GLY A 61 -10.66 -7.85 -10.26
N ASP A 62 -11.55 -8.07 -9.30
CA ASP A 62 -11.50 -7.33 -8.05
C ASP A 62 -10.23 -7.53 -7.25
N ALA A 63 -9.55 -8.63 -7.46
CA ALA A 63 -8.31 -8.97 -6.78
C ALA A 63 -7.07 -8.30 -7.40
N ALA A 64 -7.19 -7.76 -8.60
CA ALA A 64 -6.01 -7.15 -9.26
C ALA A 64 -5.47 -5.98 -8.47
N ASN A 65 -4.14 -5.91 -8.40
CA ASN A 65 -3.44 -4.85 -7.68
C ASN A 65 -2.77 -3.85 -8.63
N PHE A 66 -2.83 -2.57 -8.26
CA PHE A 66 -2.25 -1.50 -9.05
C PHE A 66 -1.59 -0.46 -8.15
N GLY A 67 -0.61 0.23 -8.73
CA GLY A 67 0.07 1.33 -8.05
C GLY A 67 1.09 0.84 -7.04
N ILE A 68 1.77 1.80 -6.42
CA ILE A 68 2.86 1.46 -5.52
C ILE A 68 2.39 0.91 -4.17
N PHE A 69 1.11 1.12 -3.86
CA PHE A 69 0.58 0.61 -2.62
C PHE A 69 -0.10 -0.73 -2.81
N LYS A 70 -0.12 -1.24 -4.05
CA LYS A 70 -0.80 -2.51 -4.37
C LYS A 70 -2.26 -2.46 -3.94
N GLN A 71 -2.94 -1.36 -4.32
CA GLN A 71 -4.35 -1.25 -4.07
C GLN A 71 -5.13 -2.19 -4.98
N ASN A 72 -6.17 -2.82 -4.44
CA ASN A 72 -6.94 -3.73 -5.26
C ASN A 72 -8.13 -3.06 -5.90
N TRP A 73 -8.57 -3.65 -7.02
CA TRP A 73 -9.62 -3.05 -7.86
C TRP A 73 -10.94 -2.94 -7.14
N LEU A 74 -11.27 -3.88 -6.24
CA LEU A 74 -12.50 -3.68 -5.48
C LEU A 74 -12.48 -2.38 -4.72
N MET A 75 -11.38 -2.12 -4.00
CA MET A 75 -11.24 -0.93 -3.19
CA MET A 75 -11.39 -0.91 -3.23
C MET A 75 -11.32 0.31 -4.09
N LEU A 76 -10.56 0.26 -5.19
CA LEU A 76 -10.45 1.40 -6.08
C LEU A 76 -11.83 1.78 -6.66
N ARG A 77 -12.55 0.79 -7.19
CA ARG A 77 -13.80 1.11 -7.86
C ARG A 77 -14.92 1.42 -6.89
N SER A 78 -14.77 1.00 -5.64
CA SER A 78 -15.78 1.27 -4.63
CA SER A 78 -15.75 1.30 -4.60
C SER A 78 -15.61 2.65 -3.98
N ALA A 79 -14.39 3.19 -4.00
CA ALA A 79 -14.11 4.41 -3.23
C ALA A 79 -13.63 5.61 -4.04
N CYS A 80 -13.07 5.39 -5.22
CA CYS A 80 -12.37 6.46 -5.91
C CYS A 80 -13.16 7.01 -7.05
N ALA A 81 -13.27 8.34 -7.12
CA ALA A 81 -14.17 8.96 -8.08
C ALA A 81 -13.83 8.60 -9.53
N GLN A 82 -12.55 8.46 -9.85
CA GLN A 82 -12.18 8.19 -11.24
C GLN A 82 -12.57 6.81 -11.70
N PHE A 83 -12.94 5.91 -10.78
CA PHE A 83 -13.39 4.58 -11.11
C PHE A 83 -14.85 4.35 -10.71
N GLY A 84 -15.57 5.42 -10.42
CA GLY A 84 -16.94 5.32 -9.94
C GLY A 84 -17.84 4.58 -10.89
N GLY A 85 -18.64 3.66 -10.35
CA GLY A 85 -19.59 2.92 -11.15
C GLY A 85 -19.05 1.78 -11.96
N GLN A 86 -17.73 1.59 -11.97
CA GLN A 86 -17.14 0.55 -12.77
C GLN A 86 -17.28 -0.81 -12.11
N GLY A 87 -17.31 -1.86 -12.92
CA GLY A 87 -17.46 -3.24 -12.44
C GLY A 87 -16.13 -3.96 -12.31
N ALA A 88 -16.17 -5.13 -11.68
CA ALA A 88 -15.00 -5.97 -11.50
C ALA A 88 -14.28 -6.28 -12.80
N GLY A 89 -15.02 -6.54 -13.86
CA GLY A 89 -14.42 -6.90 -15.13
C GLY A 89 -13.65 -5.77 -15.82
N GLN A 90 -13.83 -4.53 -15.35
CA GLN A 90 -13.18 -3.34 -15.90
C GLN A 90 -11.83 -3.06 -15.23
N TYR A 91 -11.32 -4.04 -14.49
CA TYR A 91 -10.10 -3.91 -13.68
C TYR A 91 -8.92 -3.37 -14.42
N ASP A 92 -8.77 -3.61 -15.72
CA ASP A 92 -7.62 -3.05 -16.42
C ASP A 92 -7.57 -1.52 -16.34
N ASN A 93 -8.70 -0.87 -16.08
CA ASN A 93 -8.68 0.58 -15.92
C ASN A 93 -7.84 1.02 -14.72
N GLY A 94 -7.69 0.15 -13.73
CA GLY A 94 -6.84 0.51 -12.58
C GLY A 94 -5.38 0.70 -12.92
N ALA A 95 -4.96 0.22 -14.08
CA ALA A 95 -3.57 0.37 -14.50
C ALA A 95 -3.19 1.83 -14.70
N ALA A 96 -4.14 2.72 -14.75
CA ALA A 96 -3.81 4.16 -14.76
C ALA A 96 -2.90 4.53 -13.57
N LEU A 97 -3.06 3.85 -12.43
CA LEU A 97 -2.26 4.14 -11.26
C LEU A 97 -0.81 3.70 -11.42
N ASN A 98 -0.52 2.82 -12.35
CA ASN A 98 0.85 2.41 -12.58
C ASN A 98 1.69 3.49 -13.25
N SER A 99 1.01 4.43 -13.91
CA SER A 99 1.63 5.54 -14.63
CA SER A 99 1.74 5.53 -14.57
C SER A 99 1.56 6.88 -13.93
N SER A 100 0.76 7.03 -12.90
CA SER A 100 0.56 8.34 -12.25
C SER A 100 0.62 8.20 -10.74
N LEU A 101 1.74 8.64 -10.18
CA LEU A 101 1.94 8.62 -8.76
C LEU A 101 0.92 9.54 -8.06
N GLY A 102 0.64 10.69 -8.67
CA GLY A 102 -0.33 11.58 -8.06
C GLY A 102 -1.70 10.97 -7.95
N GLN A 103 -2.16 10.29 -9.01
CA GLN A 103 -3.45 9.63 -8.96
C GLN A 103 -3.44 8.47 -7.95
N ASP A 104 -2.30 7.77 -7.88
CA ASP A 104 -2.16 6.66 -6.96
C ASP A 104 -2.38 7.11 -5.52
N VAL A 105 -1.68 8.19 -5.12
CA VAL A 105 -1.84 8.73 -3.79
C VAL A 105 -3.26 9.29 -3.58
N SER A 106 -3.78 10.00 -4.60
CA SER A 106 -5.15 10.50 -4.45
C SER A 106 -6.14 9.37 -4.17
N CYS A 107 -6.03 8.29 -4.92
CA CYS A 107 -6.88 7.14 -4.72
C CYS A 107 -6.70 6.51 -3.37
N LEU A 108 -5.44 6.39 -2.93
CA LEU A 108 -5.19 5.81 -1.61
C LEU A 108 -5.95 6.62 -0.56
N HIS A 109 -5.84 7.94 -0.62
CA HIS A 109 -6.47 8.77 0.39
C HIS A 109 -7.99 8.72 0.31
N GLN A 110 -8.55 8.68 -0.91
CA GLN A 110 -9.99 8.52 -1.05
C GLN A 110 -10.46 7.21 -0.41
N SER A 111 -9.72 6.14 -0.65
CA SER A 111 -10.09 4.82 -0.19
C SER A 111 -10.02 4.77 1.33
N GLN A 112 -8.92 5.27 1.90
CA GLN A 112 -8.78 5.25 3.36
C GLN A 112 -9.86 6.11 4.03
N SER A 113 -10.22 7.24 3.43
CA SER A 113 -11.29 8.06 3.97
C SER A 113 -12.65 7.39 3.84
N HIS A 114 -12.90 6.71 2.73
CA HIS A 114 -14.19 6.07 2.51
C HIS A 114 -14.43 5.00 3.55
N TYR A 115 -13.41 4.18 3.82
CA TYR A 115 -13.60 3.02 4.68
C TYR A 115 -13.23 3.27 6.13
N GLY A 116 -12.41 4.28 6.43
CA GLY A 116 -11.74 4.40 7.70
C GLY A 116 -10.53 3.47 7.70
N LEU A 117 -9.53 3.81 8.49
CA LEU A 117 -8.26 3.08 8.37
C LEU A 117 -8.36 1.62 8.75
N ASP A 118 -9.06 1.31 9.84
CA ASP A 118 -9.17 -0.09 10.23
C ASP A 118 -9.78 -0.97 9.18
N ALA A 119 -10.91 -0.56 8.63
CA ALA A 119 -11.54 -1.31 7.54
C ALA A 119 -10.66 -1.29 6.31
N TRP A 120 -9.98 -0.17 6.04
CA TRP A 120 -9.12 -0.09 4.88
C TRP A 120 -8.05 -1.18 4.95
N PHE A 121 -7.42 -1.36 6.11
CA PHE A 121 -6.39 -2.41 6.20
C PHE A 121 -6.96 -3.77 5.84
N ALA A 122 -8.17 -4.03 6.32
CA ALA A 122 -8.80 -5.33 6.06
C ALA A 122 -9.10 -5.53 4.60
N GLY A 123 -9.67 -4.53 3.94
CA GLY A 123 -9.95 -4.64 2.50
C GLY A 123 -8.70 -4.64 1.67
N HIS A 124 -7.68 -3.89 2.09
CA HIS A 124 -6.42 -3.89 1.40
C HIS A 124 -5.79 -5.26 1.40
N ARG A 125 -5.84 -5.95 2.54
CA ARG A 125 -5.21 -7.23 2.68
C ARG A 125 -6.03 -8.35 2.05
N ASN A 126 -7.36 -8.31 2.17
CA ASN A 126 -8.17 -9.47 1.81
C ASN A 126 -9.44 -9.13 1.07
N GLY A 127 -9.53 -7.93 0.49
CA GLY A 127 -10.65 -7.63 -0.37
C GLY A 127 -11.98 -7.66 0.33
N ALA A 128 -13.01 -8.07 -0.39
CA ALA A 128 -14.37 -8.15 0.17
C ALA A 128 -14.43 -9.03 1.39
N SER A 129 -13.72 -10.15 1.36
CA SER A 129 -13.68 -11.07 2.50
C SER A 129 -13.11 -10.36 3.71
N GLY A 130 -12.12 -9.55 3.49
CA GLY A 130 -11.52 -8.77 4.56
C GLY A 130 -12.46 -7.75 5.15
N LEU A 131 -13.16 -7.01 4.27
CA LEU A 131 -14.13 -6.04 4.77
C LEU A 131 -15.22 -6.71 5.61
N SER A 132 -15.65 -7.91 5.20
CA SER A 132 -16.72 -8.57 5.92
CA SER A 132 -16.69 -8.71 5.86
C SER A 132 -16.23 -9.28 7.20
N SER A 133 -14.94 -9.64 7.27
CA SER A 133 -14.31 -10.26 8.44
C SER A 133 -12.97 -9.58 8.73
N PRO A 134 -13.03 -8.36 9.29
CA PRO A 134 -11.84 -7.49 9.30
C PRO A 134 -10.93 -7.70 10.50
N ASN A 135 -11.32 -8.55 11.44
CA ASN A 135 -10.61 -8.72 12.69
C ASN A 135 -9.81 -10.00 12.77
N THR A 136 -9.32 -10.51 11.66
CA THR A 136 -8.57 -11.73 11.70
C THR A 136 -7.14 -11.53 12.17
N ALA A 137 -6.55 -12.64 12.58
CA ALA A 137 -5.16 -12.63 12.95
C ALA A 137 -4.24 -12.19 11.79
N ASP A 138 -4.53 -12.65 10.56
CA ASP A 138 -3.68 -12.29 9.43
C ASP A 138 -3.72 -10.78 9.12
N ILE A 139 -4.91 -10.19 9.20
CA ILE A 139 -5.04 -8.75 8.99
C ILE A 139 -4.32 -7.99 10.12
N ALA A 140 -4.46 -8.47 11.35
CA ALA A 140 -3.78 -7.85 12.47
C ALA A 140 -2.25 -7.89 12.27
N ALA A 141 -1.73 -9.00 11.74
CA ALA A 141 -0.29 -9.11 11.49
C ALA A 141 0.18 -8.10 10.44
N TYR A 142 -0.58 -7.94 9.38
CA TYR A 142 -0.28 -6.97 8.34
C TYR A 142 -0.26 -5.57 8.91
N LYS A 143 -1.28 -5.21 9.69
CA LYS A 143 -1.36 -3.90 10.28
C LYS A 143 -0.16 -3.67 11.21
N ALA A 144 0.20 -4.70 11.99
CA ALA A 144 1.33 -4.57 12.89
C ALA A 144 2.63 -4.35 12.14
N ALA A 145 2.78 -4.99 10.99
CA ALA A 145 3.96 -4.81 10.16
C ALA A 145 4.04 -3.35 9.67
N VAL A 146 2.93 -2.83 9.17
CA VAL A 146 2.93 -1.45 8.68
C VAL A 146 3.29 -0.49 9.81
N TYR A 147 2.69 -0.67 11.01
CA TYR A 147 2.97 0.25 12.08
C TYR A 147 4.38 0.07 12.67
N TRP A 148 4.97 -1.13 12.55
CA TRP A 148 6.37 -1.29 12.93
C TRP A 148 7.27 -0.51 11.98
N ILE A 149 7.01 -0.60 10.69
CA ILE A 149 7.75 0.17 9.72
C ILE A 149 7.58 1.67 10.00
N LYS A 150 6.33 2.09 10.23
CA LYS A 150 6.09 3.49 10.51
C LYS A 150 6.84 3.95 11.74
N ALA A 151 6.94 3.13 12.77
CA ALA A 151 7.70 3.49 13.96
C ALA A 151 9.16 3.76 13.64
N GLN A 152 9.71 3.01 12.69
CA GLN A 152 11.12 3.23 12.30
C GLN A 152 11.27 4.55 11.55
N LEU A 153 10.29 4.86 10.71
CA LEU A 153 10.27 6.13 10.01
C LEU A 153 10.09 7.30 10.99
N ASP A 154 9.20 7.16 11.97
CA ASP A 154 8.93 8.19 12.96
C ASP A 154 10.13 8.41 13.87
N ALA A 155 10.87 7.36 14.19
CA ALA A 155 11.94 7.46 15.18
C ALA A 155 13.15 8.21 14.67
N ASP A 156 13.34 8.30 13.36
CA ASP A 156 14.46 9.04 12.80
C ASP A 156 14.07 9.57 11.44
N SER A 157 13.90 10.88 11.34
CA SER A 157 13.41 11.50 10.11
C SER A 157 14.37 11.31 8.93
N ALA A 158 15.63 10.94 9.19
CA ALA A 158 16.53 10.60 8.07
C ALA A 158 15.93 9.45 7.24
N ASN A 159 15.16 8.58 7.86
CA ASN A 159 14.55 7.44 7.17
C ASN A 159 13.47 7.86 6.18
N LEU A 160 13.01 9.12 6.23
CA LEU A 160 12.06 9.60 5.23
C LEU A 160 12.71 9.95 3.90
N GLY A 161 14.05 10.04 3.89
CA GLY A 161 14.77 10.44 2.67
C GLY A 161 16.04 9.72 2.34
N ASN A 162 16.38 8.68 3.11
CA ASN A 162 17.61 7.93 2.88
C ASN A 162 17.28 6.64 2.10
N ASP A 163 18.30 5.86 1.82
CA ASP A 163 18.13 4.68 1.00
C ASP A 163 17.75 3.42 1.78
N THR A 164 17.37 3.54 3.02
CA THR A 164 17.08 2.38 3.86
C THR A 164 15.65 1.90 3.68
N ARG A 165 15.54 0.59 3.43
CA ARG A 165 14.27 -0.12 3.45
C ARG A 165 14.19 -0.97 4.69
N PHE A 166 13.15 -0.75 5.50
CA PHE A 166 12.81 -1.62 6.63
C PHE A 166 11.86 -2.70 6.17
N TRP A 167 12.00 -3.90 6.69
CA TRP A 167 11.19 -5.04 6.27
C TRP A 167 10.85 -5.91 7.50
N VAL A 168 9.73 -6.60 7.34
CA VAL A 168 9.20 -7.54 8.33
C VAL A 168 8.64 -8.71 7.56
N GLN A 169 8.89 -9.94 8.03
CA GLN A 169 8.37 -11.14 7.41
C GLN A 169 6.97 -11.35 7.95
N VAL A 170 5.99 -10.88 7.19
CA VAL A 170 4.62 -10.82 7.66
C VAL A 170 4.09 -12.20 8.02
N PRO A 171 4.37 -13.24 7.20
CA PRO A 171 3.86 -14.57 7.59
C PRO A 171 4.35 -15.11 8.93
N ALA A 172 5.49 -14.64 9.44
CA ALA A 172 5.99 -15.11 10.74
C ALA A 172 5.50 -14.19 11.85
C1 GOL B . -5.11 -8.41 -2.11
O1 GOL B . -4.01 -7.84 -2.81
C2 GOL B . -6.24 -8.57 -3.09
O2 GOL B . -5.81 -9.36 -4.22
C3 GOL B . -7.41 -9.14 -2.33
O3 GOL B . -8.49 -9.39 -3.19
C1 GOL C . 10.72 -3.66 -7.11
O1 GOL C . 10.20 -2.56 -6.47
C2 GOL C . 9.91 -4.87 -6.69
O2 GOL C . 9.65 -5.03 -5.27
C3 GOL C . 8.59 -4.89 -7.41
O3 GOL C . 7.98 -6.14 -7.08
C1 GOL D . -11.87 -10.46 -4.88
O1 GOL D . -12.06 -11.74 -5.44
C2 GOL D . -12.72 -10.28 -3.63
O2 GOL D . -12.62 -8.92 -3.18
C3 GOL D . -12.23 -11.25 -2.58
O3 GOL D . -12.79 -11.03 -1.27
C1 EDO E . -1.01 -7.20 -1.33
O1 EDO E . 0.38 -7.06 -1.38
C2 EDO E . -1.56 -6.22 -0.32
O2 EDO E . -0.92 -6.31 0.96
CL CL F . -6.47 -1.55 -1.44
#